data_2H04
#
_entry.id   2H04
#
_cell.length_a   44.803
_cell.length_b   70.120
_cell.length_c   90.722
_cell.angle_alpha   90.00
_cell.angle_beta   90.00
_cell.angle_gamma   90.00
#
_symmetry.space_group_name_H-M   'P 21 21 21'
#
loop_
_entity.id
_entity.type
_entity.pdbx_description
1 polymer 'Protein tyrosine phosphatase, receptor type, B,'
2 non-polymer '{4-[2,2-BIS(5-METHYL-1,2,4-OXADIAZOL-3-YL)-3-PHENYLPROPYL]PHENYL}SULFAMIC ACID'
3 water water
#
_entity_poly.entity_id   1
_entity_poly.type   'polypeptide(L)'
_entity_poly.pdbx_seq_one_letter_code
;SDRPLSVHLNLGQKGNRKTSCPIKINQFEGHFMKLQADSNYLLSKEYEELKDVGRNQSCDIALLPENRGKNRYNNILPYD
ATRVKLSNVDDDPCSDYINASYIPGNNFRREYIVTQGPLPGTKDDFWKMVWEQNVHNIVMVTQCVEKGRVKCDHYWPADQ
DSLYYGDLILQMLSESVLPEWTIREFKICGEEQLDAHRLIRHFHYTVWPDHGVPETTQSLIQFVRTVRDYINRSPGAGPT
VVHCSAGVGRTGTFIALDRILQQLDSKDSVDIYGAVHDLRLHRVHMVQTECQYVYLHQCVRDVLRARKLRSEQ
;
_entity_poly.pdbx_strand_id   A
#
loop_
_chem_comp.id
_chem_comp.type
_chem_comp.name
_chem_comp.formula
4UN non-polymer '{4-[2,2-BIS(5-METHYL-1,2,4-OXADIAZOL-3-YL)-3-PHENYLPROPYL]PHENYL}SULFAMIC ACID' 'C21 H21 N5 O5 S'
#
# COMPACT_ATOMS: atom_id res chain seq x y z
N LYS A 18 -22.78 -6.60 -6.17
CA LYS A 18 -22.29 -5.19 -6.05
C LYS A 18 -20.78 -5.10 -6.21
N THR A 19 -20.32 -4.52 -7.31
CA THR A 19 -18.90 -4.29 -7.52
C THR A 19 -18.44 -2.83 -7.43
N SER A 20 -19.39 -1.89 -7.37
CA SER A 20 -19.12 -0.49 -7.60
C SER A 20 -20.29 0.33 -7.04
N CYS A 21 -20.01 1.42 -6.32
CA CYS A 21 -21.02 2.39 -5.89
C CYS A 21 -20.49 3.80 -6.11
N PRO A 22 -20.59 4.30 -7.35
CA PRO A 22 -20.08 5.62 -7.71
C PRO A 22 -20.94 6.69 -7.03
N ILE A 23 -20.32 7.79 -6.62
CA ILE A 23 -21.05 8.87 -5.99
C ILE A 23 -20.61 10.14 -6.70
N LYS A 24 -21.55 10.82 -7.36
CA LYS A 24 -21.32 12.16 -7.91
C LYS A 24 -20.70 13.17 -6.95
N ILE A 25 -19.61 13.77 -7.39
CA ILE A 25 -18.93 14.85 -6.70
C ILE A 25 -19.90 15.83 -6.03
N ASN A 26 -20.93 16.25 -6.76
CA ASN A 26 -21.93 17.17 -6.24
C ASN A 26 -22.93 16.58 -5.23
N GLN A 27 -23.00 15.25 -5.15
CA GLN A 27 -23.89 14.57 -4.21
C GLN A 27 -23.20 14.09 -2.92
N PHE A 28 -21.87 14.21 -2.91
CA PHE A 28 -21.04 13.54 -1.92
C PHE A 28 -21.24 13.94 -0.45
N GLU A 29 -21.24 15.25 -0.20
CA GLU A 29 -21.43 15.76 1.15
C GLU A 29 -22.70 15.19 1.81
N GLY A 30 -23.82 15.31 1.11
CA GLY A 30 -25.08 14.76 1.60
C GLY A 30 -25.07 13.24 1.65
N HIS A 31 -24.57 12.60 0.60
CA HIS A 31 -24.41 11.16 0.62
C HIS A 31 -23.61 10.64 1.83
N PHE A 32 -22.48 11.26 2.12
CA PHE A 32 -21.59 10.80 3.17
C PHE A 32 -22.18 11.05 4.55
N MET A 33 -22.88 12.18 4.69
CA MET A 33 -23.72 12.50 5.84
C MET A 33 -24.64 11.33 6.14
N LYS A 34 -25.29 10.86 5.08
CA LYS A 34 -26.22 9.73 5.11
C LYS A 34 -25.61 8.39 5.49
N LEU A 35 -24.49 8.06 4.85
CA LEU A 35 -23.60 6.99 5.32
C LEU A 35 -23.25 6.97 6.83
N GLN A 36 -22.95 8.14 7.39
CA GLN A 36 -22.50 8.23 8.79
C GLN A 36 -23.63 8.21 9.78
N ALA A 37 -24.87 8.20 9.31
CA ALA A 37 -26.03 8.35 10.17
C ALA A 37 -26.21 7.05 10.98
N ASP A 38 -26.93 7.15 12.10
CA ASP A 38 -27.11 6.03 13.00
C ASP A 38 -25.85 5.21 13.33
N SER A 39 -24.80 5.94 13.74
CA SER A 39 -23.51 5.35 14.09
C SER A 39 -22.84 4.69 12.87
N ASN A 40 -22.75 5.40 11.76
CA ASN A 40 -22.10 4.84 10.56
C ASN A 40 -22.82 3.60 10.03
N TYR A 41 -24.14 3.59 10.19
CA TYR A 41 -24.89 2.40 9.85
C TYR A 41 -24.79 1.98 8.39
N LEU A 42 -25.03 2.88 7.43
CA LEU A 42 -24.94 2.46 6.03
C LEU A 42 -23.50 2.17 5.60
N LEU A 43 -22.54 2.87 6.20
CA LEU A 43 -21.14 2.56 6.04
C LEU A 43 -20.78 1.12 6.43
N SER A 44 -21.25 0.66 7.59
CA SER A 44 -20.93 -0.67 8.11
C SER A 44 -21.50 -1.73 7.20
N LYS A 45 -22.64 -1.42 6.60
CA LYS A 45 -23.26 -2.32 5.63
C LYS A 45 -22.44 -2.45 4.34
N GLU A 46 -22.01 -1.35 3.73
CA GLU A 46 -21.10 -1.41 2.57
C GLU A 46 -19.81 -2.15 2.92
N TYR A 47 -19.18 -1.78 4.03
CA TYR A 47 -17.95 -2.44 4.45
C TYR A 47 -18.15 -3.95 4.65
N GLU A 48 -19.30 -4.29 5.20
CA GLU A 48 -19.67 -5.68 5.41
C GLU A 48 -19.88 -6.41 4.08
N GLU A 49 -20.52 -5.73 3.14
CA GLU A 49 -20.60 -6.28 1.81
C GLU A 49 -19.29 -6.61 1.08
N LEU A 50 -18.22 -5.89 1.35
CA LEU A 50 -16.88 -6.16 0.80
C LEU A 50 -16.20 -7.40 1.40
N LYS A 51 -16.76 -7.96 2.47
CA LYS A 51 -16.01 -8.80 3.39
C LYS A 51 -15.42 -10.06 2.75
N ASP A 52 -16.24 -10.65 1.87
CA ASP A 52 -15.90 -11.92 1.25
C ASP A 52 -15.30 -11.79 -0.15
N VAL A 53 -15.19 -10.56 -0.65
CA VAL A 53 -14.61 -10.29 -1.96
C VAL A 53 -13.21 -10.87 -2.14
N GLY A 54 -13.07 -11.64 -3.22
CA GLY A 54 -11.82 -12.27 -3.62
C GLY A 54 -11.49 -13.53 -2.84
N ARG A 55 -12.22 -13.83 -1.78
CA ARG A 55 -11.78 -14.78 -0.74
C ARG A 55 -12.01 -16.23 -1.15
N ASN A 56 -12.51 -16.41 -2.37
CA ASN A 56 -12.75 -17.73 -2.92
C ASN A 56 -11.47 -18.24 -3.59
N GLN A 57 -10.42 -17.42 -3.57
CA GLN A 57 -9.23 -17.75 -4.34
C GLN A 57 -8.16 -18.48 -3.51
N SER A 58 -7.43 -19.40 -4.12
CA SER A 58 -6.39 -20.12 -3.40
C SER A 58 -5.11 -19.33 -3.04
N CYS A 59 -4.53 -19.74 -1.91
CA CYS A 59 -3.40 -19.15 -1.20
CA CYS A 59 -3.26 -19.16 -1.47
C CYS A 59 -2.41 -20.34 -1.02
N ASP A 60 -2.42 -21.35 -1.91
CA ASP A 60 -1.72 -22.62 -1.69
C ASP A 60 -0.20 -22.54 -1.61
N ILE A 61 0.42 -21.77 -2.51
CA ILE A 61 1.88 -21.59 -2.43
C ILE A 61 2.32 -20.88 -1.14
N ALA A 62 1.61 -19.83 -0.76
CA ALA A 62 1.87 -19.14 0.52
C ALA A 62 1.75 -20.08 1.72
N LEU A 63 0.97 -21.13 1.55
CA LEU A 63 0.81 -22.13 2.60
C LEU A 63 1.80 -23.29 2.63
N LEU A 64 2.64 -23.50 1.60
CA LEU A 64 3.66 -24.57 1.64
C LEU A 64 4.54 -24.44 2.89
N PRO A 65 4.91 -25.58 3.51
CA PRO A 65 5.90 -25.60 4.59
C PRO A 65 7.19 -24.80 4.40
N GLU A 66 7.83 -24.99 3.25
CA GLU A 66 8.84 -24.16 2.56
CA GLU A 66 8.98 -24.19 2.86
C GLU A 66 8.80 -22.67 2.93
N ASN A 67 7.57 -22.17 2.84
CA ASN A 67 7.28 -20.74 2.84
C ASN A 67 6.86 -20.12 4.16
N ARG A 68 6.84 -20.96 5.19
CA ARG A 68 6.23 -20.62 6.47
C ARG A 68 6.93 -19.47 7.20
N GLY A 69 8.25 -19.49 7.10
CA GLY A 69 9.08 -18.46 7.71
C GLY A 69 9.14 -17.22 6.84
N LYS A 70 8.45 -17.23 5.69
CA LYS A 70 8.49 -16.14 4.73
C LYS A 70 7.30 -15.22 4.95
N ASN A 71 6.41 -15.69 5.83
CA ASN A 71 5.17 -14.99 6.10
C ASN A 71 5.24 -14.35 7.47
N ARG A 72 5.08 -13.03 7.52
CA ARG A 72 5.00 -12.36 8.82
C ARG A 72 3.77 -12.81 9.61
N TYR A 73 2.61 -12.83 8.96
CA TYR A 73 1.35 -13.22 9.59
C TYR A 73 0.69 -14.35 8.82
N ASN A 74 0.35 -15.39 9.55
CA ASN A 74 -0.08 -16.60 8.89
C ASN A 74 -1.45 -16.53 8.21
N ASN A 75 -2.23 -15.49 8.48
CA ASN A 75 -3.52 -15.30 7.82
C ASN A 75 -3.49 -14.26 6.68
N ILE A 76 -2.34 -13.62 6.46
CA ILE A 76 -2.22 -12.63 5.40
C ILE A 76 -1.23 -13.14 4.36
N LEU A 77 -1.78 -13.82 3.36
CA LEU A 77 -1.06 -14.52 2.30
C LEU A 77 -1.53 -14.03 0.94
N PRO A 78 -0.61 -13.94 -0.03
CA PRO A 78 -0.99 -13.53 -1.38
C PRO A 78 -1.86 -14.62 -2.00
N TYR A 79 -2.83 -14.25 -2.84
CA TYR A 79 -3.43 -15.20 -3.78
C TYR A 79 -2.47 -15.81 -4.81
N ASP A 80 -2.61 -17.11 -5.12
CA ASP A 80 -1.75 -17.71 -6.13
C ASP A 80 -1.88 -16.96 -7.45
N ALA A 81 -3.08 -16.45 -7.72
CA ALA A 81 -3.32 -15.84 -9.02
C ALA A 81 -2.60 -14.50 -9.28
N THR A 82 -2.31 -13.76 -8.21
CA THR A 82 -1.80 -12.37 -8.28
C THR A 82 -0.50 -12.13 -7.50
N ARG A 83 0.07 -13.18 -6.92
CA ARG A 83 1.35 -13.08 -6.23
C ARG A 83 2.52 -12.73 -7.17
N VAL A 84 3.38 -11.87 -6.64
CA VAL A 84 4.66 -11.57 -7.26
C VAL A 84 5.66 -12.71 -7.06
N LYS A 85 6.41 -13.05 -8.10
CA LYS A 85 7.35 -14.17 -8.06
C LYS A 85 8.81 -13.73 -8.19
N LEU A 86 9.67 -14.21 -7.29
CA LEU A 86 11.12 -14.13 -7.44
C LEU A 86 11.53 -14.88 -8.71
N SER A 87 12.34 -14.26 -9.56
CA SER A 87 12.74 -15.01 -10.76
C SER A 87 13.62 -16.14 -10.25
N ASN A 88 13.70 -17.25 -10.97
CA ASN A 88 14.23 -18.43 -10.28
C ASN A 88 14.72 -19.58 -11.16
N SER A 95 10.54 -21.64 -3.75
CA SER A 95 11.71 -20.73 -3.87
C SER A 95 11.60 -19.48 -4.75
N ASP A 96 10.49 -19.35 -5.47
CA ASP A 96 10.15 -18.09 -6.11
C ASP A 96 9.29 -17.24 -5.20
N TYR A 97 9.09 -17.71 -3.98
CA TYR A 97 8.04 -17.16 -3.12
C TYR A 97 8.39 -15.89 -2.33
N ILE A 98 7.64 -14.83 -2.57
CA ILE A 98 7.62 -13.68 -1.67
C ILE A 98 6.19 -13.34 -1.31
N ASN A 99 5.92 -12.95 -0.06
CA ASN A 99 4.63 -12.38 0.30
C ASN A 99 4.41 -10.97 -0.24
N ALA A 100 3.88 -10.90 -1.46
CA ALA A 100 3.80 -9.68 -2.25
C ALA A 100 2.76 -9.95 -3.31
N SER A 101 1.95 -8.95 -3.64
CA SER A 101 0.88 -9.13 -4.62
C SER A 101 0.92 -8.00 -5.62
N TYR A 102 0.51 -8.28 -6.86
CA TYR A 102 0.35 -7.25 -7.87
C TYR A 102 -0.96 -6.53 -7.66
N ILE A 103 -0.99 -5.20 -7.77
CA ILE A 103 -2.24 -4.46 -7.58
C ILE A 103 -2.51 -3.49 -8.74
N PRO A 104 -3.68 -3.63 -9.38
CA PRO A 104 -4.16 -2.61 -10.33
C PRO A 104 -4.43 -1.24 -9.70
N GLY A 105 -4.26 -0.20 -10.52
CA GLY A 105 -4.36 1.17 -10.05
C GLY A 105 -5.30 1.94 -10.95
N ASN A 106 -5.23 3.27 -10.87
CA ASN A 106 -6.13 4.04 -11.68
C ASN A 106 -5.75 3.98 -13.17
N ASN A 107 -4.51 3.61 -13.45
CA ASN A 107 -3.88 3.78 -14.75
C ASN A 107 -3.49 2.45 -15.43
N PHE A 108 -2.99 1.50 -14.67
CA PHE A 108 -2.69 0.18 -15.26
C PHE A 108 -2.83 -1.02 -14.32
N ARG A 109 -2.76 -2.20 -14.90
CA ARG A 109 -2.96 -3.45 -14.16
C ARG A 109 -1.78 -3.87 -13.28
N ARG A 110 -0.54 -3.51 -13.61
CA ARG A 110 0.43 -3.88 -12.56
C ARG A 110 1.11 -2.66 -12.01
N GLU A 111 0.29 -1.82 -11.39
CA GLU A 111 0.66 -0.45 -11.13
C GLU A 111 1.43 -0.41 -9.81
N TYR A 112 1.02 -1.29 -8.89
CA TYR A 112 1.65 -1.38 -7.57
C TYR A 112 2.08 -2.82 -7.38
N ILE A 113 3.13 -3.00 -6.60
CA ILE A 113 3.36 -4.27 -5.93
C ILE A 113 3.19 -3.98 -4.44
N VAL A 114 2.45 -4.85 -3.78
CA VAL A 114 2.11 -4.68 -2.37
C VAL A 114 2.71 -5.88 -1.63
N THR A 115 3.31 -5.63 -0.47
CA THR A 115 4.05 -6.66 0.26
C THR A 115 3.94 -6.35 1.77
N GLN A 116 4.17 -7.38 2.58
CA GLN A 116 4.35 -7.22 4.03
C GLN A 116 5.65 -6.46 4.34
N GLY A 117 5.75 -5.88 5.54
CA GLY A 117 7.00 -5.29 5.96
C GLY A 117 8.02 -6.43 6.00
N PRO A 118 9.15 -6.28 5.29
CA PRO A 118 10.21 -7.28 5.33
C PRO A 118 10.60 -7.84 6.71
N LEU A 119 10.97 -9.11 6.71
CA LEU A 119 11.47 -9.78 7.91
C LEU A 119 13.00 -9.83 7.86
N PRO A 120 13.66 -9.98 9.01
CA PRO A 120 15.11 -10.12 8.84
C PRO A 120 15.45 -11.19 7.81
N GLY A 121 14.68 -12.26 7.78
CA GLY A 121 15.03 -13.36 6.88
C GLY A 121 14.47 -13.24 5.48
N THR A 122 13.71 -12.19 5.18
CA THR A 122 13.28 -11.91 3.79
C THR A 122 13.71 -10.55 3.23
N LYS A 123 14.56 -9.78 3.90
CA LYS A 123 14.91 -8.50 3.31
C LYS A 123 15.75 -8.62 2.02
N ASP A 124 16.62 -9.62 1.88
CA ASP A 124 17.32 -9.85 0.61
C ASP A 124 16.32 -10.15 -0.51
N ASP A 125 15.30 -10.94 -0.21
CA ASP A 125 14.23 -11.27 -1.14
C ASP A 125 13.53 -9.99 -1.60
N PHE A 126 13.37 -9.08 -0.65
CA PHE A 126 12.56 -7.90 -0.92
C PHE A 126 13.29 -7.00 -1.91
N TRP A 127 14.57 -6.69 -1.62
CA TRP A 127 15.43 -6.03 -2.58
C TRP A 127 15.63 -6.79 -3.90
N LYS A 128 15.63 -8.12 -3.85
CA LYS A 128 15.73 -8.86 -5.10
C LYS A 128 14.52 -8.56 -6.01
N MET A 129 13.34 -8.50 -5.39
CA MET A 129 12.08 -8.26 -6.10
C MET A 129 12.10 -6.85 -6.68
N VAL A 130 12.64 -5.92 -5.88
CA VAL A 130 12.74 -4.48 -6.21
C VAL A 130 13.60 -4.28 -7.47
N TRP A 131 14.72 -4.96 -7.50
CA TRP A 131 15.60 -5.01 -8.66
C TRP A 131 14.94 -5.64 -9.90
N GLU A 132 14.41 -6.85 -9.77
CA GLU A 132 13.86 -7.62 -10.88
C GLU A 132 12.61 -7.01 -11.50
N GLN A 133 11.82 -6.32 -10.67
CA GLN A 133 10.56 -5.75 -11.09
C GLN A 133 10.75 -4.31 -11.55
N ASN A 134 12.00 -3.82 -11.56
CA ASN A 134 12.31 -2.46 -12.00
C ASN A 134 11.59 -1.39 -11.17
N VAL A 135 11.52 -1.59 -9.86
CA VAL A 135 10.88 -0.62 -8.97
C VAL A 135 11.79 0.60 -8.71
N HIS A 136 11.28 1.82 -8.85
CA HIS A 136 12.02 3.03 -8.54
C HIS A 136 11.49 3.81 -7.33
N ASN A 137 10.31 3.46 -6.85
CA ASN A 137 9.68 4.18 -5.75
C ASN A 137 9.15 3.13 -4.78
N ILE A 138 9.47 3.30 -3.50
CA ILE A 138 8.89 2.50 -2.43
C ILE A 138 8.15 3.42 -1.45
N VAL A 139 6.93 3.02 -1.09
CA VAL A 139 6.14 3.68 -0.06
C VAL A 139 5.97 2.79 1.16
N MET A 140 6.41 3.30 2.31
CA MET A 140 6.31 2.59 3.56
C MET A 140 5.40 3.39 4.50
N VAL A 141 4.34 2.77 5.01
CA VAL A 141 3.37 3.50 5.85
C VAL A 141 3.18 2.73 7.14
N THR A 142 4.28 2.19 7.66
CA THR A 142 4.28 1.63 9.00
C THR A 142 5.56 2.15 9.65
N GLN A 143 5.61 2.23 10.97
CA GLN A 143 6.93 2.23 11.59
C GLN A 143 7.45 0.82 11.84
N CYS A 144 8.73 0.73 12.21
CA CYS A 144 9.35 -0.55 12.46
C CYS A 144 8.87 -1.28 13.71
N VAL A 145 8.59 -0.51 14.75
CA VAL A 145 8.19 -1.01 16.06
C VAL A 145 7.18 0.03 16.49
N GLU A 146 6.02 -0.41 16.95
CA GLU A 146 5.02 0.52 17.44
C GLU A 146 4.48 -0.04 18.75
N LYS A 147 4.45 0.80 19.79
CA LYS A 147 4.01 0.37 21.11
C LYS A 147 4.70 -0.93 21.52
N GLY A 148 6.01 -1.01 21.29
CA GLY A 148 6.78 -2.20 21.58
C GLY A 148 6.51 -3.44 20.75
N ARG A 149 5.61 -3.37 19.80
CA ARG A 149 5.41 -4.52 18.89
C ARG A 149 6.10 -4.33 17.53
N VAL A 150 6.97 -5.28 17.16
CA VAL A 150 7.61 -5.34 15.84
C VAL A 150 6.61 -5.39 14.70
N LYS A 151 6.76 -4.49 13.73
CA LYS A 151 5.86 -4.35 12.59
C LYS A 151 6.61 -4.59 11.27
N CYS A 152 7.90 -4.24 11.24
CA CYS A 152 8.68 -4.31 9.99
C CYS A 152 10.15 -4.27 10.35
N ASP A 153 10.96 -5.07 9.67
CA ASP A 153 12.40 -4.96 9.89
C ASP A 153 12.92 -3.63 9.32
N HIS A 154 14.02 -3.13 9.90
CA HIS A 154 14.75 -1.96 9.38
C HIS A 154 15.64 -2.38 8.23
N TYR A 155 15.03 -2.56 7.07
CA TYR A 155 15.58 -3.35 5.97
C TYR A 155 16.42 -2.53 5.01
N TRP A 156 16.64 -1.23 5.26
CA TRP A 156 17.54 -0.44 4.43
C TRP A 156 18.73 0.01 5.28
N PRO A 157 19.85 0.49 4.68
CA PRO A 157 21.01 0.88 5.49
C PRO A 157 20.73 1.95 6.55
N ALA A 158 21.49 1.93 7.64
CA ALA A 158 21.20 2.83 8.75
C ALA A 158 21.98 4.13 8.59
N ASP A 159 22.84 4.19 7.56
CA ASP A 159 23.74 5.32 7.33
C ASP A 159 24.29 5.22 5.92
N GLN A 160 25.33 5.99 5.62
CA GLN A 160 25.80 6.15 4.25
C GLN A 160 26.75 5.05 3.73
N ASP A 161 27.11 4.12 4.61
CA ASP A 161 27.92 2.96 4.25
C ASP A 161 27.12 1.96 3.42
N SER A 162 27.76 1.45 2.37
CA SER A 162 27.05 0.54 1.49
C SER A 162 26.92 -0.85 2.12
N LEU A 163 25.81 -1.53 1.86
CA LEU A 163 25.53 -2.85 2.43
C LEU A 163 25.20 -3.85 1.33
N TYR A 164 25.54 -5.13 1.52
CA TYR A 164 25.15 -6.25 0.67
C TYR A 164 23.79 -6.83 1.05
N TYR A 165 22.93 -7.04 0.07
CA TYR A 165 21.61 -7.67 0.26
C TYR A 165 21.56 -8.77 -0.78
N GLY A 166 21.99 -9.97 -0.43
CA GLY A 166 22.14 -11.02 -1.45
C GLY A 166 23.18 -10.67 -2.50
N ASP A 167 22.81 -10.81 -3.76
CA ASP A 167 23.55 -10.35 -4.94
C ASP A 167 23.48 -8.85 -5.27
N LEU A 168 22.88 -8.03 -4.42
CA LEU A 168 22.75 -6.59 -4.67
C LEU A 168 23.59 -5.80 -3.66
N ILE A 169 24.06 -4.62 -4.05
CA ILE A 169 24.64 -3.67 -3.11
C ILE A 169 23.76 -2.44 -3.08
N LEU A 170 23.54 -1.96 -1.86
CA LEU A 170 22.65 -0.83 -1.67
C LEU A 170 23.37 0.22 -0.82
N GLN A 171 23.27 1.48 -1.24
CA GLN A 171 23.78 2.55 -0.40
C GLN A 171 22.78 3.70 -0.26
N MET A 172 22.51 4.17 0.96
CA MET A 172 21.69 5.37 1.16
C MET A 172 22.41 6.65 0.73
N LEU A 173 21.84 7.38 -0.22
CA LEU A 173 22.46 8.63 -0.64
C LEU A 173 22.03 9.88 0.15
N SER A 174 20.87 9.82 0.79
CA SER A 174 20.28 10.97 1.47
C SER A 174 19.06 10.49 2.21
N GLU A 175 18.72 11.23 3.26
CA GLU A 175 17.57 11.00 4.14
C GLU A 175 17.10 12.39 4.51
N SER A 176 15.83 12.71 4.25
CA SER A 176 15.24 13.98 4.66
C SER A 176 14.04 13.74 5.54
N VAL A 177 14.16 14.17 6.79
CA VAL A 177 13.15 13.88 7.79
C VAL A 177 12.19 15.06 7.88
N LEU A 178 10.92 14.85 7.59
CA LEU A 178 9.89 15.88 7.80
C LEU A 178 9.06 15.36 8.96
N PRO A 179 8.20 16.23 9.52
CA PRO A 179 7.36 15.88 10.68
C PRO A 179 6.53 14.61 10.47
N GLU A 180 6.05 14.39 9.25
CA GLU A 180 5.16 13.25 9.09
C GLU A 180 5.64 12.21 8.12
N TRP A 181 6.71 12.53 7.41
CA TRP A 181 7.41 11.55 6.58
C TRP A 181 8.83 11.93 6.28
N THR A 182 9.56 10.95 5.75
CA THR A 182 11.02 10.98 5.64
C THR A 182 11.25 10.39 4.26
N ILE A 183 11.98 11.13 3.43
CA ILE A 183 12.29 10.68 2.07
C ILE A 183 13.77 10.32 1.98
N ARG A 184 14.06 9.13 1.46
CA ARG A 184 15.41 8.61 1.40
C ARG A 184 15.67 8.20 -0.04
N GLU A 185 16.91 8.33 -0.47
CA GLU A 185 17.34 8.01 -1.82
C GLU A 185 18.44 6.99 -1.66
N PHE A 186 18.25 5.86 -2.35
CA PHE A 186 19.25 4.80 -2.38
C PHE A 186 19.82 4.60 -3.77
N LYS A 187 21.07 4.17 -3.80
CA LYS A 187 21.55 3.61 -5.04
C LYS A 187 21.79 2.12 -4.83
N ILE A 188 21.24 1.36 -5.78
CA ILE A 188 21.35 -0.10 -5.86
C ILE A 188 22.12 -0.56 -7.11
N CYS A 189 23.00 -1.53 -6.96
CA CYS A 189 23.77 -2.13 -8.05
C CYS A 189 23.69 -3.64 -7.87
N GLY A 190 23.67 -4.38 -8.98
CA GLY A 190 23.84 -5.83 -9.01
C GLY A 190 25.21 -6.37 -9.39
N GLU A 191 25.30 -7.69 -9.53
CA GLU A 191 26.61 -8.32 -9.78
C GLU A 191 27.10 -8.48 -11.24
N HIS A 197 23.79 0.67 -11.81
CA HIS A 197 23.15 1.32 -10.66
C HIS A 197 21.83 1.98 -11.01
N ARG A 198 20.80 1.71 -10.20
CA ARG A 198 19.52 2.41 -10.26
C ARG A 198 19.35 3.26 -9.01
N LEU A 199 18.71 4.41 -9.18
CA LEU A 199 18.26 5.24 -8.06
C LEU A 199 16.86 4.85 -7.55
N ILE A 200 16.78 4.58 -6.25
CA ILE A 200 15.48 4.30 -5.64
C ILE A 200 15.06 5.36 -4.63
N ARG A 201 13.81 5.79 -4.72
CA ARG A 201 13.27 6.69 -3.70
C ARG A 201 12.29 5.98 -2.77
N HIS A 202 12.37 6.33 -1.50
CA HIS A 202 11.66 5.59 -0.47
C HIS A 202 10.89 6.64 0.31
N PHE A 203 9.57 6.53 0.30
CA PHE A 203 8.75 7.55 0.94
C PHE A 203 8.15 6.96 2.21
N HIS A 204 8.63 7.41 3.36
CA HIS A 204 8.26 6.74 4.58
C HIS A 204 7.33 7.62 5.42
N TYR A 205 6.04 7.29 5.46
CA TYR A 205 5.09 7.99 6.32
C TYR A 205 5.12 7.40 7.72
N THR A 206 5.47 8.26 8.68
CA THR A 206 5.81 7.82 10.03
C THR A 206 4.71 7.89 11.08
N VAL A 207 3.57 8.52 10.76
CA VAL A 207 2.55 8.85 11.75
C VAL A 207 1.20 8.20 11.48
N TRP A 208 1.19 6.95 11.02
CA TRP A 208 -0.03 6.21 10.70
C TRP A 208 0.00 4.94 11.57
N PRO A 209 -0.72 4.93 12.72
CA PRO A 209 -0.58 3.81 13.65
C PRO A 209 -1.31 2.60 13.08
N ASP A 210 -0.79 1.41 13.39
CA ASP A 210 -1.34 0.19 12.81
C ASP A 210 -2.82 0.05 13.18
N HIS A 211 -3.58 -0.55 12.28
CA HIS A 211 -5.04 -0.72 12.44
C HIS A 211 -5.74 0.62 12.67
N GLY A 212 -5.09 1.75 12.41
CA GLY A 212 -5.68 3.07 12.69
C GLY A 212 -5.69 3.95 11.46
N VAL A 213 -5.79 5.26 11.68
CA VAL A 213 -5.89 6.24 10.60
C VAL A 213 -4.97 7.41 10.95
N PRO A 214 -4.39 8.12 9.97
CA PRO A 214 -3.66 9.31 10.42
C PRO A 214 -4.56 10.32 11.14
N GLU A 215 -3.93 11.21 11.91
CA GLU A 215 -4.64 12.23 12.68
C GLU A 215 -5.42 13.22 11.82
N THR A 216 -4.91 13.51 10.62
CA THR A 216 -5.67 14.38 9.71
C THR A 216 -5.86 13.77 8.32
N THR A 217 -6.89 14.20 7.59
CA THR A 217 -6.92 13.95 6.16
C THR A 217 -5.81 14.66 5.36
N GLN A 218 -5.46 15.87 5.78
CA GLN A 218 -4.65 16.76 4.96
C GLN A 218 -3.26 16.18 4.78
N SER A 219 -2.78 15.56 5.85
CA SER A 219 -1.45 14.95 5.90
C SER A 219 -1.31 13.85 4.85
N LEU A 220 -2.24 12.91 4.82
CA LEU A 220 -2.07 11.76 3.92
C LEU A 220 -2.39 12.22 2.52
N ILE A 221 -3.38 13.09 2.35
CA ILE A 221 -3.65 13.59 1.02
C ILE A 221 -2.36 14.20 0.44
N GLN A 222 -1.65 14.97 1.26
CA GLN A 222 -0.52 15.70 0.73
C GLN A 222 0.65 14.75 0.44
N PHE A 223 0.78 13.73 1.27
CA PHE A 223 1.79 12.70 1.08
C PHE A 223 1.49 11.88 -0.18
N VAL A 224 0.24 11.44 -0.32
CA VAL A 224 -0.20 10.78 -1.55
C VAL A 224 0.15 11.60 -2.81
N ARG A 225 -0.08 12.92 -2.79
CA ARG A 225 0.16 13.76 -3.96
C ARG A 225 1.63 13.95 -4.26
N THR A 226 2.42 14.07 -3.20
CA THR A 226 3.87 14.04 -3.31
C THR A 226 4.39 12.79 -4.02
N VAL A 227 4.14 11.60 -3.47
CA VAL A 227 4.52 10.34 -4.10
C VAL A 227 4.13 10.29 -5.60
N ARG A 228 2.90 10.68 -5.90
CA ARG A 228 2.40 10.53 -7.27
C ARG A 228 3.12 11.46 -8.25
N ASP A 229 3.37 12.67 -7.78
CA ASP A 229 4.30 13.58 -8.44
C ASP A 229 5.63 12.93 -8.85
N TYR A 230 6.23 12.20 -7.93
CA TYR A 230 7.51 11.56 -8.22
C TYR A 230 7.33 10.37 -9.14
N ILE A 231 6.20 9.68 -9.00
CA ILE A 231 5.86 8.58 -9.88
C ILE A 231 5.81 9.10 -11.31
N ASN A 232 5.09 10.20 -11.52
CA ASN A 232 5.07 10.88 -12.82
C ASN A 232 6.46 11.26 -13.31
N ARG A 233 7.37 11.48 -12.38
CA ARG A 233 8.72 11.89 -12.75
C ARG A 233 9.63 10.68 -12.92
N SER A 234 9.03 9.49 -12.99
CA SER A 234 9.83 8.28 -13.06
C SER A 234 9.59 7.52 -14.35
N PRO A 235 10.16 8.02 -15.46
CA PRO A 235 9.86 7.48 -16.79
C PRO A 235 10.26 6.01 -16.88
N GLY A 236 9.43 5.21 -17.54
CA GLY A 236 9.58 3.75 -17.53
C GLY A 236 9.56 2.92 -16.25
N ALA A 237 9.33 3.53 -15.09
CA ALA A 237 9.37 2.74 -13.86
C ALA A 237 8.54 1.45 -13.93
N GLY A 238 9.00 0.37 -13.29
CA GLY A 238 8.06 -0.71 -12.96
C GLY A 238 6.97 -0.34 -11.96
N PRO A 239 6.34 -1.35 -11.34
CA PRO A 239 5.37 -1.08 -10.28
C PRO A 239 5.93 -0.23 -9.13
N THR A 240 5.08 0.61 -8.53
CA THR A 240 5.36 1.22 -7.23
C THR A 240 5.16 0.20 -6.12
N VAL A 241 6.20 0.02 -5.28
CA VAL A 241 6.04 -0.76 -4.05
C VAL A 241 5.31 0.04 -2.97
N VAL A 242 4.26 -0.54 -2.37
CA VAL A 242 3.64 0.01 -1.17
C VAL A 242 3.66 -1.13 -0.15
N HIS A 243 4.03 -0.83 1.09
CA HIS A 243 3.92 -1.83 2.16
C HIS A 243 3.70 -1.18 3.51
N CYS A 244 3.15 -1.97 4.43
CA CYS A 244 3.09 -1.53 5.82
C CYS A 244 3.58 -2.69 6.67
N SER A 245 2.79 -3.11 7.64
CA SER A 245 3.18 -4.35 8.34
C SER A 245 2.73 -5.65 7.66
N ALA A 246 1.42 -5.82 7.51
CA ALA A 246 0.86 -6.98 6.81
C ALA A 246 0.73 -6.75 5.30
N GLY A 247 0.80 -5.48 4.90
CA GLY A 247 0.57 -5.12 3.50
C GLY A 247 -0.88 -5.08 3.10
N VAL A 248 -1.80 -4.78 4.02
CA VAL A 248 -3.24 -4.81 3.65
C VAL A 248 -3.99 -3.56 4.11
N GLY A 249 -3.90 -3.21 5.39
CA GLY A 249 -4.72 -2.09 5.84
C GLY A 249 -4.25 -0.71 5.45
N ARG A 250 -3.15 -0.29 6.04
CA ARG A 250 -2.56 0.99 5.68
C ARG A 250 -2.11 0.96 4.22
N THR A 251 -1.64 -0.19 3.76
CA THR A 251 -1.21 -0.26 2.37
C THR A 251 -2.40 -0.11 1.41
N GLY A 252 -3.47 -0.84 1.69
CA GLY A 252 -4.72 -0.77 0.93
C GLY A 252 -5.39 0.59 1.01
N THR A 253 -5.44 1.19 2.19
CA THR A 253 -5.94 2.57 2.30
C THR A 253 -5.11 3.57 1.49
N PHE A 254 -3.80 3.48 1.63
CA PHE A 254 -2.91 4.34 0.84
C PHE A 254 -3.28 4.31 -0.64
N ILE A 255 -3.44 3.11 -1.18
CA ILE A 255 -3.57 2.94 -2.63
C ILE A 255 -4.97 3.36 -3.10
N ALA A 256 -5.98 3.00 -2.31
CA ALA A 256 -7.37 3.44 -2.51
C ALA A 256 -7.41 4.96 -2.49
N LEU A 257 -6.67 5.62 -1.59
CA LEU A 257 -6.59 7.08 -1.63
C LEU A 257 -5.93 7.64 -2.88
N ASP A 258 -4.75 7.12 -3.21
CA ASP A 258 -4.08 7.40 -4.48
C ASP A 258 -5.04 7.28 -5.68
N ARG A 259 -5.81 6.19 -5.75
CA ARG A 259 -6.75 6.05 -6.86
C ARG A 259 -7.91 7.05 -6.88
N ILE A 260 -8.56 7.29 -5.74
CA ILE A 260 -9.69 8.21 -5.75
C ILE A 260 -9.27 9.68 -5.93
N LEU A 261 -8.07 9.99 -5.46
CA LEU A 261 -7.65 11.37 -5.56
C LEU A 261 -7.44 11.66 -7.03
N GLN A 262 -6.97 10.67 -7.78
CA GLN A 262 -6.98 10.82 -9.24
C GLN A 262 -8.34 10.91 -9.95
N GLN A 263 -9.32 10.14 -9.47
CA GLN A 263 -10.72 10.20 -9.90
C GLN A 263 -11.30 11.59 -9.60
N LEU A 264 -10.96 12.19 -8.47
CA LEU A 264 -11.49 13.51 -8.13
C LEU A 264 -10.98 14.57 -9.09
N ASP A 265 -9.92 14.27 -9.83
CA ASP A 265 -9.39 15.19 -10.83
C ASP A 265 -9.80 14.95 -12.27
N SER A 266 -10.60 13.92 -12.54
CA SER A 266 -10.77 13.43 -13.91
C SER A 266 -12.22 13.12 -14.19
N LYS A 267 -13.01 13.07 -13.12
CA LYS A 267 -14.35 12.52 -13.15
C LYS A 267 -15.33 13.40 -12.38
N ASP A 268 -16.55 13.47 -12.91
CA ASP A 268 -17.79 13.86 -12.23
C ASP A 268 -18.04 13.18 -10.87
N SER A 269 -17.23 12.17 -10.56
CA SER A 269 -17.68 11.19 -9.58
C SER A 269 -16.64 10.17 -9.14
N VAL A 270 -16.75 9.81 -7.86
CA VAL A 270 -15.74 9.01 -7.17
C VAL A 270 -16.37 7.68 -6.78
N ASP A 271 -15.57 6.60 -6.81
CA ASP A 271 -16.10 5.29 -6.49
C ASP A 271 -15.28 4.59 -5.41
N ILE A 272 -15.43 5.00 -4.16
CA ILE A 272 -14.67 4.43 -3.07
C ILE A 272 -14.95 2.94 -2.92
N TYR A 273 -16.22 2.54 -3.01
CA TYR A 273 -16.59 1.11 -2.91
C TYR A 273 -15.93 0.20 -3.94
N GLY A 274 -16.08 0.57 -5.20
CA GLY A 274 -15.35 0.02 -6.33
C GLY A 274 -13.85 -0.14 -6.16
N ALA A 275 -13.15 0.91 -5.73
CA ALA A 275 -11.71 0.81 -5.46
C ALA A 275 -11.36 -0.29 -4.45
N VAL A 276 -12.10 -0.40 -3.38
CA VAL A 276 -11.73 -1.31 -2.29
C VAL A 276 -12.09 -2.73 -2.73
N HIS A 277 -13.25 -2.86 -3.34
CA HIS A 277 -13.60 -4.07 -4.05
C HIS A 277 -12.48 -4.63 -4.94
N ASP A 278 -11.97 -3.78 -5.84
CA ASP A 278 -10.89 -4.11 -6.75
C ASP A 278 -9.65 -4.56 -5.98
N LEU A 279 -9.30 -3.87 -4.90
CA LEU A 279 -8.08 -4.22 -4.19
C LEU A 279 -8.27 -5.61 -3.63
N ARG A 280 -9.50 -5.93 -3.20
CA ARG A 280 -9.84 -7.22 -2.57
C ARG A 280 -9.81 -8.40 -3.53
N LEU A 281 -10.09 -8.13 -4.81
CA LEU A 281 -9.97 -9.19 -5.82
C LEU A 281 -8.54 -9.67 -5.89
N HIS A 282 -7.61 -8.84 -5.42
CA HIS A 282 -6.17 -9.04 -5.56
C HIS A 282 -5.39 -9.41 -4.30
N ARG A 283 -5.88 -8.99 -3.13
CA ARG A 283 -5.21 -9.32 -1.85
C ARG A 283 -6.22 -9.26 -0.67
N VAL A 284 -6.12 -10.17 0.30
CA VAL A 284 -7.03 -10.16 1.46
C VAL A 284 -6.97 -8.80 2.16
N HIS A 285 -8.06 -8.37 2.81
CA HIS A 285 -8.02 -7.31 3.84
C HIS A 285 -7.56 -5.91 3.50
N MET A 286 -7.44 -5.65 2.20
CA MET A 286 -7.07 -4.35 1.68
C MET A 286 -8.07 -3.29 2.16
N VAL A 287 -7.58 -2.33 2.94
CA VAL A 287 -8.41 -1.44 3.78
C VAL A 287 -9.05 -2.31 4.85
N GLN A 288 -8.38 -2.42 6.00
CA GLN A 288 -8.61 -3.57 6.90
C GLN A 288 -9.62 -3.23 8.02
N THR A 289 -9.90 -1.95 8.22
CA THR A 289 -10.81 -1.56 9.29
C THR A 289 -11.93 -0.73 8.69
N GLU A 290 -13.10 -0.76 9.32
CA GLU A 290 -14.20 0.14 8.98
C GLU A 290 -13.77 1.60 9.01
N CYS A 291 -13.01 1.98 10.03
CA CYS A 291 -12.51 3.36 10.15
C CYS A 291 -11.62 3.84 9.01
N GLN A 292 -10.82 2.92 8.45
CA GLN A 292 -9.96 3.24 7.32
C GLN A 292 -10.84 3.54 6.13
N TYR A 293 -11.89 2.72 5.96
CA TYR A 293 -12.89 2.94 4.94
C TYR A 293 -13.62 4.27 5.15
N VAL A 294 -13.96 4.60 6.40
CA VAL A 294 -14.60 5.87 6.72
C VAL A 294 -13.66 7.00 6.35
N TYR A 295 -12.39 6.84 6.70
CA TYR A 295 -11.39 7.87 6.46
C TYR A 295 -11.19 8.24 4.98
N LEU A 296 -11.27 7.23 4.11
CA LEU A 296 -11.28 7.48 2.67
C LEU A 296 -12.36 8.46 2.22
N HIS A 297 -13.59 8.26 2.72
CA HIS A 297 -14.70 9.23 2.62
C HIS A 297 -14.39 10.60 3.27
N GLN A 298 -13.76 10.61 4.46
CA GLN A 298 -13.42 11.88 5.10
C GLN A 298 -12.45 12.68 4.23
N CYS A 299 -11.46 11.99 3.66
CA CYS A 299 -10.56 12.59 2.68
C CYS A 299 -11.26 13.18 1.47
N VAL A 300 -12.15 12.42 0.82
CA VAL A 300 -12.79 12.88 -0.40
C VAL A 300 -13.65 14.11 -0.04
N ARG A 301 -14.43 13.99 1.04
CA ARG A 301 -15.25 15.07 1.59
C ARG A 301 -14.51 16.39 1.78
N ASP A 302 -13.29 16.33 2.29
CA ASP A 302 -12.55 17.52 2.71
C ASP A 302 -11.95 18.18 1.47
N VAL A 303 -11.55 17.35 0.51
CA VAL A 303 -10.97 17.82 -0.75
C VAL A 303 -12.02 18.65 -1.48
N LEU A 304 -13.23 18.10 -1.59
CA LEU A 304 -14.38 18.75 -2.19
C LEU A 304 -14.89 19.95 -1.41
N ARG A 305 -14.96 19.86 -0.09
CA ARG A 305 -15.15 21.04 0.75
C ARG A 305 -14.12 22.13 0.40
N ALA A 306 -12.86 21.76 0.22
CA ALA A 306 -11.81 22.75 -0.04
C ALA A 306 -12.04 23.38 -1.40
N ARG A 307 -12.49 22.59 -2.37
CA ARG A 307 -12.74 23.11 -3.71
C ARG A 307 -13.89 24.13 -3.78
N LYS A 308 -14.93 23.90 -2.97
CA LYS A 308 -16.23 24.52 -3.19
C LYS A 308 -16.39 26.00 -2.82
O16 4UN B . -1.62 -4.26 7.17
S13 4UN B . -1.40 -3.42 8.35
O14 4UN B . 0.00 -3.42 8.78
O15 4UN B . -1.76 -2.00 8.15
N8 4UN B . -2.28 -3.99 9.56
C4 4UN B . -2.22 -5.30 9.92
C5 4UN B . -1.27 -5.79 10.82
C2 4UN B . -1.23 -7.13 11.20
C6 4UN B . -2.16 -8.03 10.69
C3 4UN B . -3.10 -7.54 9.80
C1 4UN B . -3.15 -6.21 9.42
C49 4UN B . -2.17 -9.50 11.09
C10 4UN B . -3.10 -9.80 12.28
C17 4UN B . -3.17 -11.30 12.52
N22 4UN B . -4.35 -11.92 12.57
O29 4UN B . -4.10 -13.31 12.78
C27 4UN B . -2.67 -13.41 12.85
C28 4UN B . -1.85 -14.69 13.07
N23 4UN B . -2.12 -12.10 12.67
C18 4UN B . -4.43 -9.30 11.77
N20 4UN B . -4.98 -8.13 12.14
O25 4UN B . -6.13 -7.92 11.45
C26 4UN B . -6.31 -9.06 10.64
C24 4UN B . -7.50 -9.26 9.72
N21 4UN B . -5.17 -9.92 10.85
C19 4UN B . -2.59 -9.12 13.58
C36 4UN B . -3.47 -9.36 14.79
C40 4UN B . -4.34 -8.36 15.21
C43 4UN B . -5.17 -8.54 16.32
C39 4UN B . -5.16 -9.74 17.03
C42 4UN B . -4.28 -10.74 16.61
C41 4UN B . -3.44 -10.56 15.51
#